data_8C1Y
#
_entry.id   8C1Y
#
_cell.length_a   81.626
_cell.length_b   111.651
_cell.length_c   62.827
_cell.angle_alpha   90.00
_cell.angle_beta   90.00
_cell.angle_gamma   90.00
#
_symmetry.space_group_name_H-M   'C 2 2 21'
#
loop_
_entity.id
_entity.type
_entity.pdbx_description
1 polymer '14-3-3 protein sigma'
2 polymer 'Carbohydrate-responsive element-binding protein'
3 non-polymer '[2-[2-[[2,2-bis(fluoranyl)-2-phenyl-ethyl]amino]-2-oxidanylidene-ethoxy]phenyl]phosphonic acid'
4 water water
#
loop_
_entity_poly.entity_id
_entity_poly.type
_entity_poly.pdbx_seq_one_letter_code
_entity_poly.pdbx_strand_id
1 'polypeptide(L)'
;GAMGSMERASLIQKAKLAEQAERYEDMAAFMKGAVEKGEELSCEERNLLSVAYKNVVGGQRAAWRVLSSIEQKSNEEGSE
EKGPEVREYREKVETELQGVCDTVLGLLDSHLIKEAGDAESRVFYLKMKGDYYRYLAEVATGDDKKRIIDSARSAYQEAM
DISKKEMPPTNPIRLGLALNFSVFHYEIANSPEEAISLAKTTFDEAMADLHTLSEDSYKDSTLIMQLLRDNLTLWT
;
A
2 'polypeptide(L)' RDKIRLNNAIWRAWYIQY B
#
loop_
_chem_comp.id
_chem_comp.type
_chem_comp.name
_chem_comp.formula
U0U non-polymer '[2-[2-[[2,2-bis(fluoranyl)-2-phenyl-ethyl]amino]-2-oxidanylidene-ethoxy]phenyl]phosphonic acid' 'C16 H16 F2 N O5 P'
#
# COMPACT_ATOMS: atom_id res chain seq x y z
N GLY A 1 3.22 -25.05 2.54
CA GLY A 1 2.05 -24.67 1.76
C GLY A 1 0.82 -25.51 2.11
N ALA A 2 0.03 -25.02 3.07
CA ALA A 2 -1.18 -25.70 3.52
C ALA A 2 -2.28 -25.62 2.46
N MET A 3 -2.20 -24.60 1.59
CA MET A 3 -3.12 -24.43 0.49
C MET A 3 -2.73 -25.27 -0.73
N GLY A 4 -1.60 -25.98 -0.63
CA GLY A 4 -1.04 -26.74 -1.73
C GLY A 4 -1.95 -27.81 -2.34
N SER A 5 -2.85 -28.36 -1.51
CA SER A 5 -3.77 -29.39 -1.95
C SER A 5 -5.08 -28.85 -2.52
N MET A 6 -5.31 -27.53 -2.43
CA MET A 6 -6.55 -26.95 -2.90
C MET A 6 -6.39 -26.38 -4.31
N GLU A 7 -7.42 -26.59 -5.14
CA GLU A 7 -7.43 -26.10 -6.51
C GLU A 7 -7.25 -24.58 -6.57
N ARG A 8 -6.50 -24.12 -7.56
CA ARG A 8 -6.34 -22.70 -7.78
C ARG A 8 -7.71 -22.01 -7.83
N ALA A 9 -8.65 -22.55 -8.61
CA ALA A 9 -9.95 -21.91 -8.77
C ALA A 9 -10.72 -21.82 -7.45
N SER A 10 -10.55 -22.83 -6.59
CA SER A 10 -11.17 -22.88 -5.29
C SER A 10 -10.58 -21.84 -4.33
N LEU A 11 -9.27 -21.65 -4.40
CA LEU A 11 -8.58 -20.62 -3.61
C LEU A 11 -9.09 -19.23 -3.99
N ILE A 12 -9.27 -18.99 -5.30
CA ILE A 12 -9.77 -17.72 -5.78
C ILE A 12 -11.21 -17.49 -5.31
N GLN A 13 -12.06 -18.52 -5.46
CA GLN A 13 -13.44 -18.41 -5.04
C GLN A 13 -13.54 -18.13 -3.54
N LYS A 14 -12.73 -18.83 -2.74
CA LYS A 14 -12.74 -18.63 -1.30
C LYS A 14 -12.15 -17.28 -0.90
N ALA A 15 -11.22 -16.73 -1.70
CA ALA A 15 -10.72 -15.39 -1.44
C ALA A 15 -11.85 -14.37 -1.57
N LYS A 16 -12.70 -14.55 -2.59
CA LYS A 16 -13.85 -13.67 -2.79
C LYS A 16 -14.86 -13.78 -1.66
N LEU A 17 -15.10 -15.00 -1.18
CA LEU A 17 -15.99 -15.24 -0.05
C LEU A 17 -15.45 -14.60 1.22
N ALA A 18 -14.16 -14.79 1.49
CA ALA A 18 -13.49 -14.18 2.63
C ALA A 18 -13.57 -12.66 2.57
N GLU A 19 -13.44 -12.08 1.37
CA GLU A 19 -13.58 -10.64 1.18
C GLU A 19 -14.97 -10.17 1.59
N GLN A 20 -16.02 -10.89 1.14
CA GLN A 20 -17.40 -10.56 1.47
C GLN A 20 -17.66 -10.70 2.97
N ALA A 21 -17.00 -11.67 3.61
CA ALA A 21 -17.12 -11.89 5.04
C ALA A 21 -16.16 -11.04 5.87
N GLU A 22 -15.40 -10.16 5.18
CA GLU A 22 -14.39 -9.31 5.80
C GLU A 22 -13.40 -10.10 6.65
N ARG A 23 -12.97 -11.26 6.13
CA ARG A 23 -12.01 -12.13 6.77
C ARG A 23 -10.68 -12.00 6.03
N TYR A 24 -9.96 -10.91 6.28
CA TYR A 24 -8.85 -10.54 5.41
C TYR A 24 -7.62 -11.40 5.61
N GLU A 25 -7.44 -11.96 6.81
CA GLU A 25 -6.34 -12.90 7.03
C GLU A 25 -6.55 -14.16 6.19
N ASP A 26 -7.77 -14.70 6.23
CA ASP A 26 -8.15 -15.82 5.38
C ASP A 26 -7.95 -15.49 3.90
N MET A 27 -8.46 -14.32 3.49
CA MET A 27 -8.39 -13.89 2.11
C MET A 27 -6.94 -13.85 1.63
N ALA A 28 -6.05 -13.31 2.47
CA ALA A 28 -4.64 -13.21 2.15
C ALA A 28 -3.99 -14.58 2.01
N ALA A 29 -4.33 -15.50 2.92
CA ALA A 29 -3.80 -16.85 2.88
C ALA A 29 -4.25 -17.59 1.62
N PHE A 30 -5.51 -17.37 1.22
CA PHE A 30 -6.03 -17.98 0.01
C PHE A 30 -5.31 -17.47 -1.23
N MET A 31 -5.11 -16.14 -1.30
CA MET A 31 -4.43 -15.53 -2.43
C MET A 31 -2.94 -15.87 -2.47
N LYS A 32 -2.30 -15.98 -1.30
CA LYS A 32 -0.94 -16.51 -1.21
C LYS A 32 -0.90 -17.91 -1.84
N GLY A 33 -1.84 -18.77 -1.43
CA GLY A 33 -1.99 -20.08 -2.01
C GLY A 33 -2.11 -20.04 -3.54
N ALA A 34 -2.95 -19.12 -4.03
CA ALA A 34 -3.16 -18.97 -5.46
C ALA A 34 -1.89 -18.52 -6.18
N VAL A 35 -1.18 -17.54 -5.61
CA VAL A 35 0.08 -17.09 -6.18
C VAL A 35 1.07 -18.25 -6.28
N GLU A 36 1.13 -19.08 -5.23
CA GLU A 36 2.09 -20.16 -5.17
C GLU A 36 1.80 -21.31 -6.14
N LYS A 37 0.65 -21.25 -6.84
CA LYS A 37 0.37 -22.21 -7.90
C LYS A 37 1.29 -21.97 -9.11
N GLY A 38 1.86 -20.76 -9.20
CA GLY A 38 2.90 -20.47 -10.16
C GLY A 38 2.45 -19.75 -11.43
N GLU A 39 1.12 -19.70 -11.66
CA GLU A 39 0.57 -19.02 -12.82
C GLU A 39 0.48 -17.51 -12.57
N GLU A 40 0.50 -16.74 -13.66
CA GLU A 40 0.26 -15.31 -13.60
C GLU A 40 -1.14 -15.08 -13.05
N LEU A 41 -1.36 -13.87 -12.50
CA LEU A 41 -2.66 -13.48 -11.98
C LEU A 41 -3.37 -12.61 -13.01
N SER A 42 -4.69 -12.79 -13.13
CA SER A 42 -5.53 -11.88 -13.90
C SER A 42 -5.71 -10.55 -13.18
N CYS A 43 -6.32 -9.58 -13.87
CA CYS A 43 -6.58 -8.27 -13.26
C CYS A 43 -7.38 -8.41 -11.97
N GLU A 44 -8.47 -9.19 -12.02
CA GLU A 44 -9.32 -9.39 -10.86
C GLU A 44 -8.55 -10.03 -9.70
N GLU A 45 -7.73 -11.03 -10.02
CA GLU A 45 -6.93 -11.74 -9.03
C GLU A 45 -5.86 -10.86 -8.39
N ARG A 46 -5.26 -9.97 -9.19
CA ARG A 46 -4.30 -9.00 -8.68
C ARG A 46 -4.96 -8.08 -7.65
N ASN A 47 -6.18 -7.62 -7.96
CA ASN A 47 -6.96 -6.80 -7.03
C ASN A 47 -7.24 -7.53 -5.71
N LEU A 48 -7.58 -8.82 -5.80
CA LEU A 48 -7.87 -9.62 -4.61
C LEU A 48 -6.63 -9.75 -3.74
N LEU A 49 -5.47 -10.01 -4.37
CA LEU A 49 -4.21 -10.07 -3.65
C LEU A 49 -3.95 -8.76 -2.90
N SER A 50 -4.12 -7.64 -3.61
CA SER A 50 -3.86 -6.33 -3.03
C SER A 50 -4.81 -5.99 -1.90
N VAL A 51 -6.12 -6.16 -2.13
CA VAL A 51 -7.13 -5.90 -1.12
C VAL A 51 -6.86 -6.70 0.17
N ALA A 52 -6.51 -7.98 0.01
CA ALA A 52 -6.32 -8.86 1.15
C ALA A 52 -5.17 -8.37 2.02
N TYR A 53 -3.98 -8.18 1.42
CA TYR A 53 -2.81 -7.80 2.19
C TYR A 53 -2.85 -6.35 2.68
N LYS A 54 -3.45 -5.46 1.88
CA LYS A 54 -3.63 -4.07 2.28
C LYS A 54 -4.47 -3.99 3.55
N ASN A 55 -5.50 -4.83 3.64
CA ASN A 55 -6.38 -4.84 4.79
C ASN A 55 -5.70 -5.46 6.01
N VAL A 56 -4.93 -6.53 5.82
CA VAL A 56 -4.18 -7.15 6.91
C VAL A 56 -3.15 -6.18 7.47
N VAL A 57 -2.30 -5.62 6.59
CA VAL A 57 -1.25 -4.70 7.02
C VAL A 57 -1.85 -3.41 7.57
N GLY A 58 -2.97 -2.97 6.99
CA GLY A 58 -3.69 -1.81 7.49
C GLY A 58 -4.07 -1.93 8.96
N GLY A 59 -4.62 -3.10 9.33
CA GLY A 59 -4.94 -3.41 10.72
C GLY A 59 -3.74 -3.36 11.65
N GLN A 60 -2.62 -3.94 11.19
CA GLN A 60 -1.40 -3.98 11.99
C GLN A 60 -0.79 -2.59 12.16
N ARG A 61 -0.78 -1.80 11.08
CA ARG A 61 -0.31 -0.42 11.14
C ARG A 61 -1.14 0.43 12.10
N ALA A 62 -2.47 0.31 12.02
CA ALA A 62 -3.35 1.03 12.92
C ALA A 62 -3.09 0.68 14.39
N ALA A 63 -2.94 -0.61 14.67
CA ALA A 63 -2.61 -1.08 16.00
C ALA A 63 -1.26 -0.53 16.46
N TRP A 64 -0.25 -0.61 15.57
CA TRP A 64 1.08 -0.11 15.84
C TRP A 64 1.05 1.37 16.21
N ARG A 65 0.23 2.13 15.49
CA ARG A 65 0.10 3.56 15.72
C ARG A 65 -0.51 3.85 17.09
N VAL A 66 -1.55 3.10 17.47
CA VAL A 66 -2.15 3.21 18.79
C VAL A 66 -1.08 2.98 19.86
N LEU A 67 -0.35 1.86 19.73
CA LEU A 67 0.61 1.44 20.73
C LEU A 67 1.80 2.40 20.81
N SER A 68 2.33 2.80 19.65
CA SER A 68 3.37 3.82 19.58
C SER A 68 2.95 5.10 20.29
N SER A 69 1.71 5.55 20.03
CA SER A 69 1.16 6.72 20.69
C SER A 69 1.11 6.58 22.21
N ILE A 70 0.74 5.39 22.69
CA ILE A 70 0.71 5.11 24.13
C ILE A 70 2.12 5.02 24.69
N GLU A 71 3.03 4.36 23.96
CA GLU A 71 4.40 4.15 24.40
C GLU A 71 5.11 5.47 24.69
N GLN A 72 4.97 6.43 23.77
CA GLN A 72 5.67 7.70 23.88
C GLN A 72 5.07 8.63 24.93
N LYS A 73 3.80 8.39 25.29
CA LYS A 73 3.17 9.08 26.41
C LYS A 73 3.77 8.63 27.74
N SER A 74 3.99 7.31 27.89
CA SER A 74 4.51 6.74 29.11
C SER A 74 6.00 7.00 29.32
N ASN A 75 6.72 7.23 28.21
CA ASN A 75 8.15 7.51 28.26
C ASN A 75 8.42 9.00 28.49
N GLU A 76 8.26 9.43 29.75
CA GLU A 76 8.54 10.79 30.16
C GLU A 76 8.31 10.91 31.67
N GLU A 77 8.71 12.05 32.25
CA GLU A 77 8.49 12.31 33.67
C GLU A 77 7.05 12.73 33.92
N GLY A 78 6.40 13.30 32.90
CA GLY A 78 5.01 13.73 32.99
C GLY A 78 4.03 12.62 33.37
N SER A 79 4.34 11.38 32.94
CA SER A 79 3.50 10.23 33.21
C SER A 79 4.35 9.04 33.66
N GLU A 80 3.94 8.40 34.76
CA GLU A 80 4.59 7.20 35.29
C GLU A 80 4.77 6.17 34.18
N GLU A 81 6.02 5.74 33.97
CA GLU A 81 6.32 4.68 33.00
C GLU A 81 5.72 3.37 33.52
N LYS A 82 5.21 2.56 32.60
CA LYS A 82 4.39 1.40 32.92
C LYS A 82 5.18 0.09 32.97
N GLY A 83 6.50 0.18 32.71
CA GLY A 83 7.34 -1.01 32.61
C GLY A 83 7.63 -1.38 31.16
N PRO A 84 8.08 -2.62 30.89
CA PRO A 84 8.43 -3.03 29.52
C PRO A 84 7.26 -3.45 28.64
N GLU A 85 6.05 -3.51 29.22
CA GLU A 85 4.91 -4.13 28.56
C GLU A 85 4.53 -3.46 27.23
N VAL A 86 4.40 -2.13 27.22
CA VAL A 86 3.94 -1.43 26.03
C VAL A 86 4.96 -1.61 24.91
N ARG A 87 6.25 -1.49 25.26
CA ARG A 87 7.32 -1.67 24.28
C ARG A 87 7.31 -3.10 23.74
N GLU A 88 7.15 -4.09 24.64
CA GLU A 88 7.15 -5.49 24.24
C GLU A 88 6.01 -5.77 23.27
N TYR A 89 4.82 -5.26 23.60
CA TYR A 89 3.64 -5.53 22.79
C TYR A 89 3.71 -4.77 21.47
N ARG A 90 4.22 -3.54 21.51
CA ARG A 90 4.44 -2.77 20.28
C ARG A 90 5.41 -3.51 19.36
N GLU A 91 6.46 -4.10 19.94
CA GLU A 91 7.44 -4.88 19.18
C GLU A 91 6.87 -6.18 18.61
N LYS A 92 5.93 -6.81 19.33
CA LYS A 92 5.26 -8.01 18.84
C LYS A 92 4.46 -7.68 17.59
N VAL A 93 3.69 -6.59 17.64
CA VAL A 93 2.87 -6.15 16.51
C VAL A 93 3.78 -5.76 15.35
N GLU A 94 4.87 -5.06 15.67
CA GLU A 94 5.85 -4.66 14.68
C GLU A 94 6.43 -5.87 13.95
N THR A 95 6.78 -6.92 14.71
CA THR A 95 7.36 -8.11 14.14
C THR A 95 6.37 -8.84 13.24
N GLU A 96 5.09 -8.87 13.65
CA GLU A 96 4.05 -9.49 12.84
C GLU A 96 3.84 -8.72 11.55
N LEU A 97 3.80 -7.38 11.67
CA LEU A 97 3.70 -6.49 10.52
C LEU A 97 4.84 -6.74 9.53
N GLN A 98 6.08 -6.81 10.07
CA GLN A 98 7.24 -7.06 9.24
C GLN A 98 7.14 -8.42 8.56
N GLY A 99 6.58 -9.41 9.26
CA GLY A 99 6.36 -10.73 8.68
C GLY A 99 5.41 -10.72 7.49
N VAL A 100 4.31 -9.96 7.59
CA VAL A 100 3.36 -9.84 6.49
C VAL A 100 3.97 -9.10 5.30
N CYS A 101 4.65 -7.99 5.56
CA CYS A 101 5.36 -7.26 4.51
C CYS A 101 6.37 -8.16 3.81
N ASP A 102 7.15 -8.92 4.60
CA ASP A 102 8.13 -9.84 4.05
C ASP A 102 7.49 -10.94 3.20
N THR A 103 6.30 -11.40 3.62
CA THR A 103 5.56 -12.40 2.86
C THR A 103 5.13 -11.86 1.49
N VAL A 104 4.56 -10.64 1.48
CA VAL A 104 4.12 -10.01 0.25
C VAL A 104 5.31 -9.80 -0.69
N LEU A 105 6.40 -9.24 -0.15
CA LEU A 105 7.59 -8.98 -0.94
C LEU A 105 8.16 -10.28 -1.50
N GLY A 106 8.10 -11.35 -0.69
CA GLY A 106 8.47 -12.69 -1.15
C GLY A 106 7.67 -13.15 -2.37
N LEU A 107 6.35 -12.93 -2.34
CA LEU A 107 5.47 -13.32 -3.43
C LEU A 107 5.80 -12.54 -4.70
N LEU A 108 5.97 -11.22 -4.56
CA LEU A 108 6.28 -10.33 -5.67
C LEU A 108 7.61 -10.73 -6.32
N ASP A 109 8.55 -11.18 -5.48
CA ASP A 109 9.85 -11.62 -5.95
C ASP A 109 9.89 -13.07 -6.44
N SER A 110 8.82 -13.84 -6.19
CA SER A 110 8.79 -15.26 -6.52
C SER A 110 7.42 -15.75 -7.01
N HIS A 111 7.06 -15.44 -8.27
CA HIS A 111 7.87 -14.71 -9.22
C HIS A 111 6.98 -13.74 -10.01
N LEU A 112 6.11 -13.02 -9.29
CA LEU A 112 5.10 -12.19 -9.93
C LEU A 112 5.70 -11.10 -10.81
N ILE A 113 6.69 -10.38 -10.28
CA ILE A 113 7.31 -9.28 -11.02
C ILE A 113 8.07 -9.81 -12.23
N LYS A 114 8.89 -10.84 -12.01
CA LYS A 114 9.67 -11.44 -13.08
C LYS A 114 8.81 -11.82 -14.29
N GLU A 115 7.63 -12.39 -14.03
CA GLU A 115 6.77 -12.92 -15.07
C GLU A 115 5.79 -11.90 -15.64
N ALA A 116 5.69 -10.72 -15.02
CA ALA A 116 4.80 -9.66 -15.48
C ALA A 116 5.40 -8.89 -16.66
N GLY A 117 4.93 -9.19 -17.87
CA GLY A 117 5.37 -8.52 -19.08
C GLY A 117 4.51 -7.32 -19.49
N ASP A 118 3.20 -7.40 -19.24
CA ASP A 118 2.28 -6.33 -19.57
C ASP A 118 2.45 -5.18 -18.59
N ALA A 119 2.34 -3.95 -19.11
CA ALA A 119 2.48 -2.75 -18.30
C ALA A 119 1.51 -2.75 -17.12
N GLU A 120 0.25 -3.13 -17.37
CA GLU A 120 -0.76 -3.13 -16.33
C GLU A 120 -0.34 -3.98 -15.14
N SER A 121 0.14 -5.20 -15.42
CA SER A 121 0.55 -6.11 -14.36
C SER A 121 1.87 -5.68 -13.71
N ARG A 122 2.86 -5.34 -14.54
CA ARG A 122 4.17 -4.99 -14.02
C ARG A 122 4.11 -3.76 -13.12
N VAL A 123 3.40 -2.71 -13.57
CA VAL A 123 3.27 -1.50 -12.77
C VAL A 123 2.54 -1.80 -11.47
N PHE A 124 1.51 -2.65 -11.53
CA PHE A 124 0.75 -3.02 -10.34
C PHE A 124 1.63 -3.65 -9.27
N TYR A 125 2.47 -4.61 -9.66
CA TYR A 125 3.33 -5.34 -8.74
C TYR A 125 4.47 -4.48 -8.21
N LEU A 126 5.03 -3.61 -9.05
CA LEU A 126 6.10 -2.73 -8.62
C LEU A 126 5.58 -1.68 -7.63
N LYS A 127 4.35 -1.20 -7.85
CA LYS A 127 3.68 -0.32 -6.89
C LYS A 127 3.54 -1.03 -5.54
N MET A 128 3.13 -2.30 -5.58
CA MET A 128 2.96 -3.08 -4.37
C MET A 128 4.30 -3.22 -3.63
N LYS A 129 5.37 -3.49 -4.40
CA LYS A 129 6.70 -3.60 -3.82
C LYS A 129 7.07 -2.33 -3.08
N GLY A 130 6.82 -1.17 -3.71
CA GLY A 130 7.06 0.12 -3.09
C GLY A 130 6.24 0.31 -1.81
N ASP A 131 4.96 -0.08 -1.87
CA ASP A 131 4.07 0.04 -0.73
C ASP A 131 4.54 -0.76 0.50
N TYR A 132 4.91 -2.03 0.29
CA TYR A 132 5.25 -2.89 1.42
C TYR A 132 6.63 -2.54 1.98
N TYR A 133 7.53 -2.02 1.14
CA TYR A 133 8.76 -1.43 1.65
C TYR A 133 8.48 -0.14 2.43
N ARG A 134 7.49 0.64 1.97
CA ARG A 134 7.07 1.84 2.67
C ARG A 134 6.54 1.49 4.06
N TYR A 135 5.74 0.43 4.16
CA TYR A 135 5.22 0.01 5.45
C TYR A 135 6.34 -0.47 6.36
N LEU A 136 7.34 -1.17 5.80
CA LEU A 136 8.52 -1.56 6.57
C LEU A 136 9.26 -0.32 7.06
N ALA A 137 9.37 0.69 6.19
CA ALA A 137 10.08 1.92 6.51
C ALA A 137 9.45 2.67 7.69
N GLU A 138 8.11 2.64 7.77
CA GLU A 138 7.39 3.32 8.84
C GLU A 138 7.82 2.88 10.24
N VAL A 139 8.24 1.61 10.38
CA VAL A 139 8.65 1.08 11.68
C VAL A 139 10.15 0.83 11.83
N ALA A 140 10.92 1.14 10.78
CA ALA A 140 12.37 0.96 10.81
C ALA A 140 13.08 2.18 11.41
N THR A 141 14.32 1.97 11.85
CA THR A 141 15.15 3.05 12.37
C THR A 141 16.59 2.96 11.86
N GLY A 142 17.24 4.11 11.74
CA GLY A 142 18.68 4.19 11.50
C GLY A 142 19.11 3.86 10.07
N ASP A 143 20.13 2.98 9.96
CA ASP A 143 20.69 2.57 8.67
C ASP A 143 19.79 1.58 7.95
N ASP A 144 19.19 0.65 8.71
CA ASP A 144 18.22 -0.27 8.16
C ASP A 144 17.09 0.48 7.46
N LYS A 145 16.69 1.61 8.07
CA LYS A 145 15.68 2.48 7.49
C LYS A 145 16.11 2.96 6.11
N LYS A 146 17.34 3.48 6.00
CA LYS A 146 17.80 4.08 4.75
C LYS A 146 17.76 3.12 3.57
N ARG A 147 18.18 1.86 3.79
CA ARG A 147 18.16 0.87 2.73
C ARG A 147 16.73 0.50 2.33
N ILE A 148 15.85 0.33 3.33
CA ILE A 148 14.45 0.07 3.08
C ILE A 148 13.80 1.22 2.28
N ILE A 149 14.11 2.46 2.67
CA ILE A 149 13.60 3.62 1.95
C ILE A 149 14.06 3.62 0.50
N ASP A 150 15.33 3.27 0.27
CA ASP A 150 15.87 3.21 -1.09
C ASP A 150 15.22 2.11 -1.93
N SER A 151 14.92 0.96 -1.29
CA SER A 151 14.21 -0.12 -1.97
C SER A 151 12.79 0.31 -2.35
N ALA A 152 12.11 1.02 -1.45
CA ALA A 152 10.78 1.51 -1.76
C ALA A 152 10.84 2.49 -2.95
N ARG A 153 11.76 3.46 -2.86
CA ARG A 153 11.96 4.45 -3.92
C ARG A 153 12.20 3.82 -5.29
N SER A 154 13.11 2.82 -5.33
CA SER A 154 13.50 2.16 -6.56
C SER A 154 12.34 1.43 -7.23
N ALA A 155 11.51 0.76 -6.41
CA ALA A 155 10.33 0.08 -6.92
C ALA A 155 9.32 1.09 -7.47
N TYR A 156 9.00 2.13 -6.68
CA TYR A 156 8.09 3.17 -7.12
C TYR A 156 8.57 3.84 -8.41
N GLN A 157 9.87 4.14 -8.48
CA GLN A 157 10.44 4.86 -9.61
C GLN A 157 10.33 4.04 -10.89
N GLU A 158 10.64 2.75 -10.79
CA GLU A 158 10.57 1.85 -11.94
C GLU A 158 9.12 1.78 -12.41
N ALA A 159 8.19 1.66 -11.46
CA ALA A 159 6.77 1.66 -11.77
C ALA A 159 6.37 2.95 -12.48
N MET A 160 6.85 4.09 -11.96
CA MET A 160 6.53 5.38 -12.54
C MET A 160 7.00 5.47 -13.98
N ASP A 161 8.25 5.04 -14.23
CA ASP A 161 8.85 5.10 -15.55
C ASP A 161 8.06 4.31 -16.59
N ILE A 162 7.63 3.10 -16.23
CA ILE A 162 6.84 2.28 -17.12
C ILE A 162 5.47 2.91 -17.36
N SER A 163 4.85 3.38 -16.26
CA SER A 163 3.49 3.90 -16.33
C SER A 163 3.40 5.15 -17.21
N LYS A 164 4.44 6.00 -17.15
CA LYS A 164 4.51 7.17 -18.01
C LYS A 164 4.63 6.79 -19.49
N LYS A 165 5.37 5.71 -19.77
CA LYS A 165 5.58 5.26 -21.13
C LYS A 165 4.45 4.44 -21.73
N GLU A 166 3.69 3.72 -20.87
CA GLU A 166 2.80 2.68 -21.33
C GLU A 166 1.33 2.85 -20.97
N MET A 167 1.00 3.87 -20.17
CA MET A 167 -0.35 4.05 -19.65
C MET A 167 -0.81 5.49 -19.83
N PRO A 168 -2.12 5.73 -20.09
CA PRO A 168 -2.65 7.09 -20.17
C PRO A 168 -2.68 7.75 -18.79
N PRO A 169 -2.67 9.10 -18.71
CA PRO A 169 -2.63 9.79 -17.42
C PRO A 169 -3.78 9.48 -16.45
N THR A 170 -4.92 9.01 -16.99
CA THR A 170 -6.07 8.65 -16.17
C THR A 170 -6.15 7.19 -15.72
N ASN A 171 -5.23 6.34 -16.19
CA ASN A 171 -5.23 4.94 -15.81
C ASN A 171 -5.21 4.80 -14.28
N PRO A 172 -6.23 4.18 -13.66
CA PRO A 172 -6.27 4.04 -12.20
C PRO A 172 -5.03 3.49 -11.51
N ILE A 173 -4.33 2.56 -12.18
CA ILE A 173 -3.10 2.00 -11.63
C ILE A 173 -2.00 3.06 -11.62
N ARG A 174 -1.88 3.80 -12.74
CA ARG A 174 -0.92 4.89 -12.82
C ARG A 174 -1.22 5.95 -11.76
N LEU A 175 -2.50 6.30 -11.60
CA LEU A 175 -2.91 7.28 -10.62
C LEU A 175 -2.64 6.82 -9.18
N GLY A 176 -3.06 5.60 -8.86
CA GLY A 176 -2.84 5.02 -7.54
C GLY A 176 -1.35 4.94 -7.20
N LEU A 177 -0.54 4.61 -8.21
CA LEU A 177 0.91 4.62 -8.07
C LEU A 177 1.42 6.01 -7.68
N ALA A 178 0.98 7.04 -8.41
CA ALA A 178 1.43 8.40 -8.18
C ALA A 178 1.00 8.90 -6.79
N LEU A 179 -0.25 8.62 -6.43
CA LEU A 179 -0.75 8.90 -5.08
C LEU A 179 0.15 8.31 -4.01
N ASN A 180 0.47 7.02 -4.13
CA ASN A 180 1.27 6.34 -3.11
C ASN A 180 2.72 6.81 -3.09
N PHE A 181 3.31 7.03 -4.28
CA PHE A 181 4.66 7.55 -4.36
C PHE A 181 4.73 8.95 -3.72
N SER A 182 3.68 9.75 -3.96
CA SER A 182 3.56 11.05 -3.33
C SER A 182 3.51 10.96 -1.81
N VAL A 183 2.73 10.01 -1.28
CA VAL A 183 2.70 9.75 0.16
C VAL A 183 4.06 9.31 0.68
N PHE A 184 4.74 8.44 -0.08
CA PHE A 184 6.12 8.07 0.23
C PHE A 184 7.01 9.29 0.37
N HIS A 185 6.94 10.22 -0.60
CA HIS A 185 7.77 11.41 -0.56
C HIS A 185 7.50 12.22 0.70
N TYR A 186 6.21 12.36 1.06
CA TYR A 186 5.83 13.21 2.18
C TYR A 186 6.15 12.59 3.54
N GLU A 187 5.77 11.32 3.71
CA GLU A 187 5.78 10.68 5.02
C GLU A 187 7.05 9.89 5.32
N ILE A 188 7.76 9.45 4.27
CA ILE A 188 8.89 8.56 4.44
C ILE A 188 10.22 9.25 4.10
N ALA A 189 10.29 9.87 2.92
CA ALA A 189 11.53 10.40 2.39
C ALA A 189 11.81 11.84 2.81
N ASN A 190 10.91 12.43 3.60
CA ASN A 190 11.05 13.79 4.10
C ASN A 190 11.22 14.80 2.95
N SER A 191 10.41 14.61 1.89
CA SER A 191 10.44 15.45 0.71
C SER A 191 9.05 16.00 0.42
N PRO A 192 8.50 16.89 1.28
CA PRO A 192 7.14 17.39 1.10
C PRO A 192 6.90 18.12 -0.23
N GLU A 193 7.91 18.85 -0.71
CA GLU A 193 7.79 19.58 -1.96
C GLU A 193 7.72 18.64 -3.15
N GLU A 194 8.47 17.53 -3.09
CA GLU A 194 8.39 16.49 -4.12
C GLU A 194 7.03 15.79 -4.11
N ALA A 195 6.51 15.52 -2.91
CA ALA A 195 5.17 14.98 -2.74
C ALA A 195 4.07 15.86 -3.35
N ILE A 196 4.15 17.16 -3.04
CA ILE A 196 3.18 18.13 -3.53
C ILE A 196 3.29 18.33 -5.04
N SER A 197 4.51 18.48 -5.54
CA SER A 197 4.75 18.60 -6.97
C SER A 197 4.19 17.40 -7.74
N LEU A 198 4.46 16.19 -7.24
CA LEU A 198 4.01 14.98 -7.91
C LEU A 198 2.49 14.88 -7.91
N ALA A 199 1.86 15.19 -6.77
CA ALA A 199 0.42 15.09 -6.65
C ALA A 199 -0.29 16.10 -7.56
N LYS A 200 0.26 17.31 -7.63
CA LYS A 200 -0.31 18.36 -8.45
C LYS A 200 -0.16 18.05 -9.94
N THR A 201 1.04 17.64 -10.35
CA THR A 201 1.31 17.26 -11.74
C THR A 201 0.42 16.11 -12.17
N THR A 202 0.32 15.08 -11.32
CA THR A 202 -0.52 13.92 -11.60
C THR A 202 -1.99 14.33 -11.78
N PHE A 203 -2.49 15.20 -10.88
CA PHE A 203 -3.86 15.67 -10.93
C PHE A 203 -4.16 16.44 -12.22
N ASP A 204 -3.26 17.38 -12.57
CA ASP A 204 -3.46 18.25 -13.71
C ASP A 204 -3.43 17.47 -15.03
N GLU A 205 -2.54 16.47 -15.12
CA GLU A 205 -2.41 15.68 -16.34
C GLU A 205 -3.57 14.70 -16.51
N ALA A 206 -4.09 14.19 -15.38
CA ALA A 206 -5.27 13.34 -15.40
C ALA A 206 -6.50 14.15 -15.80
N MET A 207 -6.66 15.33 -15.20
CA MET A 207 -7.74 16.25 -15.54
C MET A 207 -7.86 16.49 -17.05
N ALA A 208 -6.72 16.70 -17.72
CA ALA A 208 -6.71 17.00 -19.14
C ALA A 208 -6.98 15.79 -20.03
N ASP A 209 -7.00 14.59 -19.43
CA ASP A 209 -7.26 13.35 -20.15
C ASP A 209 -8.64 12.74 -19.85
N LEU A 210 -9.40 13.38 -18.95
CA LEU A 210 -10.70 12.86 -18.55
C LEU A 210 -11.69 12.76 -19.70
N HIS A 211 -11.57 13.67 -20.68
CA HIS A 211 -12.46 13.73 -21.82
C HIS A 211 -12.45 12.45 -22.65
N THR A 212 -11.40 11.63 -22.53
CA THR A 212 -11.30 10.40 -23.32
C THR A 212 -12.15 9.27 -22.74
N LEU A 213 -12.48 9.38 -21.44
CA LEU A 213 -13.08 8.30 -20.67
C LEU A 213 -14.59 8.18 -20.84
N SER A 214 -15.07 6.93 -20.80
CA SER A 214 -16.46 6.63 -20.57
C SER A 214 -16.81 6.91 -19.11
N GLU A 215 -18.10 6.96 -18.79
CA GLU A 215 -18.56 7.31 -17.46
C GLU A 215 -18.06 6.33 -16.38
N ASP A 216 -17.91 5.05 -16.74
CA ASP A 216 -17.37 4.06 -15.83
C ASP A 216 -15.93 4.36 -15.43
N SER A 217 -15.07 4.59 -16.44
CA SER A 217 -13.67 4.90 -16.20
C SER A 217 -13.48 6.27 -15.56
N TYR A 218 -14.34 7.22 -15.93
CA TYR A 218 -14.39 8.55 -15.33
C TYR A 218 -14.55 8.51 -13.82
N LYS A 219 -15.45 7.65 -13.34
CA LYS A 219 -15.72 7.52 -11.92
C LYS A 219 -14.53 6.98 -11.15
N ASP A 220 -13.83 5.99 -11.74
CA ASP A 220 -12.66 5.38 -11.13
C ASP A 220 -11.47 6.34 -11.05
N SER A 221 -11.23 7.07 -12.14
CA SER A 221 -10.15 8.04 -12.19
C SER A 221 -10.38 9.24 -11.26
N THR A 222 -11.60 9.79 -11.25
CA THR A 222 -11.89 10.94 -10.42
C THR A 222 -11.79 10.62 -8.93
N LEU A 223 -12.07 9.36 -8.56
CA LEU A 223 -11.94 8.93 -7.17
C LEU A 223 -10.52 9.18 -6.67
N ILE A 224 -9.53 8.67 -7.41
CA ILE A 224 -8.13 8.80 -7.05
C ILE A 224 -7.67 10.26 -7.17
N MET A 225 -8.17 10.95 -8.19
CA MET A 225 -7.89 12.38 -8.33
C MET A 225 -8.34 13.13 -7.08
N GLN A 226 -9.48 12.71 -6.51
CA GLN A 226 -9.99 13.37 -5.33
C GLN A 226 -9.08 13.12 -4.12
N LEU A 227 -8.52 11.92 -4.01
CA LEU A 227 -7.58 11.60 -2.95
C LEU A 227 -6.30 12.43 -3.09
N LEU A 228 -5.82 12.57 -4.32
CA LEU A 228 -4.71 13.45 -4.62
C LEU A 228 -4.97 14.89 -4.17
N ARG A 229 -6.17 15.39 -4.47
CA ARG A 229 -6.55 16.75 -4.11
C ARG A 229 -6.70 16.91 -2.59
N ASP A 230 -7.33 15.91 -1.96
CA ASP A 230 -7.45 15.88 -0.51
C ASP A 230 -6.09 15.95 0.17
N ASN A 231 -5.13 15.13 -0.29
CA ASN A 231 -3.78 15.15 0.24
C ASN A 231 -3.10 16.50 0.05
N LEU A 232 -3.23 17.07 -1.15
CA LEU A 232 -2.66 18.39 -1.42
C LEU A 232 -3.19 19.45 -0.45
N THR A 233 -4.50 19.43 -0.20
CA THR A 233 -5.16 20.34 0.73
C THR A 233 -4.56 20.21 2.13
N LEU A 234 -4.35 18.96 2.55
CA LEU A 234 -3.77 18.65 3.85
C LEU A 234 -2.31 19.11 3.95
N TRP A 235 -1.56 18.94 2.85
CA TRP A 235 -0.13 19.25 2.85
C TRP A 235 0.22 20.70 2.56
N THR A 236 -0.72 21.47 1.99
CA THR A 236 -0.47 22.85 1.62
C THR A 236 -1.36 23.82 2.37
N ARG B 1 -17.58 6.81 -1.81
CA ARG B 1 -16.47 7.74 -2.07
C ARG B 1 -16.13 8.56 -0.83
N ASP B 2 -17.18 9.09 -0.16
CA ASP B 2 -17.00 9.92 1.02
C ASP B 2 -16.27 9.19 2.14
N LYS B 3 -16.63 7.92 2.36
CA LYS B 3 -16.00 7.10 3.40
C LYS B 3 -14.54 6.83 3.08
N ILE B 4 -14.25 6.52 1.80
CA ILE B 4 -12.90 6.32 1.34
C ILE B 4 -12.04 7.57 1.56
N ARG B 5 -12.57 8.72 1.16
CA ARG B 5 -11.89 10.00 1.35
C ARG B 5 -11.68 10.35 2.82
N LEU B 6 -12.70 10.08 3.65
CA LEU B 6 -12.61 10.30 5.08
C LEU B 6 -11.54 9.41 5.69
N ASN B 7 -11.57 8.12 5.31
CA ASN B 7 -10.58 7.15 5.78
C ASN B 7 -9.17 7.61 5.42
N ASN B 8 -8.97 8.00 4.15
CA ASN B 8 -7.68 8.49 3.70
C ASN B 8 -7.19 9.69 4.50
N ALA B 9 -8.09 10.64 4.75
CA ALA B 9 -7.74 11.86 5.44
C ALA B 9 -7.29 11.59 6.88
N ILE B 10 -7.92 10.61 7.53
CA ILE B 10 -7.56 10.21 8.88
C ILE B 10 -6.15 9.62 8.94
N TRP B 11 -5.83 8.70 8.02
CA TRP B 11 -4.50 8.11 7.96
C TRP B 11 -3.40 9.14 7.68
N ARG B 12 -3.63 10.00 6.69
CA ARG B 12 -2.65 11.01 6.29
C ARG B 12 -2.46 12.06 7.38
N ALA B 13 -3.57 12.46 8.05
CA ALA B 13 -3.52 13.43 9.14
C ALA B 13 -2.74 12.92 10.35
N TRP B 14 -2.81 11.60 10.59
CA TRP B 14 -2.09 11.01 11.71
C TRP B 14 -0.59 11.27 11.62
N TYR B 15 -0.03 11.16 10.40
CA TYR B 15 1.38 11.44 10.19
C TYR B 15 1.73 12.88 10.55
N ILE B 16 0.88 13.82 10.11
CA ILE B 16 1.09 15.25 10.38
C ILE B 16 1.02 15.56 11.88
N GLN B 17 0.04 14.97 12.56
CA GLN B 17 -0.13 15.14 14.01
C GLN B 17 1.07 14.57 14.78
N TYR B 18 1.50 13.37 14.39
CA TYR B 18 2.59 12.67 15.06
C TYR B 18 3.81 12.52 14.13
C4 U0U C . -4.91 2.64 4.76
C14 U0U C . -8.11 4.33 -4.17
C5 U0U C . -4.84 1.26 4.76
C6 U0U C . -3.86 0.60 4.05
C11 U0U C . -6.90 4.07 -1.68
C7 U0U C . -2.93 1.33 3.32
C8 U0U C . -2.97 2.73 3.31
C9 U0U C . -5.76 5.28 0.20
C10 U0U C . -6.23 3.94 -0.34
C12 U0U C . -6.13 4.24 -2.83
C13 U0U C . -6.73 4.36 -4.07
N1 U0U C . -5.22 5.20 1.55
C3 U0U C . -3.98 3.37 4.04
O1 U0U C . -7.17 5.48 2.69
C1 U0U C . -5.93 5.37 2.66
C2 U0U C . -5.16 5.50 3.96
O2 U0U C . -3.96 4.74 3.99
P1 U0U C . -1.74 3.66 2.37
O3 U0U C . -1.00 2.68 1.46
O4 U0U C . -2.42 4.78 1.59
O5 U0U C . -0.80 4.27 3.42
F1 U0U C . -5.15 3.13 -0.41
F2 U0U C . -7.06 3.40 0.58
C15 U0U C . -8.89 4.19 -3.05
C16 U0U C . -8.29 4.06 -1.80
#